data_5E0W
#
_entry.id   5E0W
#
_cell.length_a   54.493
_cell.length_b   80.228
_cell.length_c   58.173
_cell.angle_alpha   90.000
_cell.angle_beta   110.600
_cell.angle_gamma   90.000
#
_symmetry.space_group_name_H-M   'P 1 21 1'
#
loop_
_entity.id
_entity.type
_entity.pdbx_description
1 polymer 'Estrogen receptor'
2 polymer 'Nuclear receptor coactivator 2'
3 non-polymer "4,4'-{[(3S)-3-(4-hydroxyphenyl)cyclohexylidene]methanediyl}diphenol"
4 water water
#
loop_
_entity_poly.entity_id
_entity_poly.type
_entity_poly.pdbx_seq_one_letter_code
_entity_poly.pdbx_strand_id
1 'polypeptide(L)'
;IKRSKKNSLALSLTADQMVSALLDAEPPILYSEYDPTRPFSEASMMGLLTNLADRELVHMINWAKRVPGFVDLTLHDQVH
LLECAWLEILMIGLVWRSMEHPGKLLFAPNLLLDRNQGKCVEGMVEIFDMLLATSSRFRMMNLQGEEFVCLKSIILLNSG
VYTFLSSTLKSLEEKDHIHRVLDKITDTLIHLMAKAGLTLQQQHQRLAQLLLILSHIRHMSNKGMEHLYSMKCKNVVPLS
DLLLEMLDAHRLHAPTS
;
A,B
2 'polypeptide(L)' KHKILHRLLQDSSS C,D
#
# COMPACT_ATOMS: atom_id res chain seq x y z
N SER A 8 0.67 -28.00 7.60
CA SER A 8 -0.01 -27.19 6.60
C SER A 8 0.08 -27.83 5.21
N LEU A 9 -1.07 -27.95 4.55
CA LEU A 9 -1.11 -28.49 3.20
C LEU A 9 -0.66 -27.44 2.20
N ALA A 10 -0.89 -26.17 2.54
CA ALA A 10 -0.60 -25.06 1.65
C ALA A 10 0.86 -25.01 1.21
N LEU A 11 1.75 -25.44 2.09
CA LEU A 11 3.19 -25.40 1.82
C LEU A 11 3.61 -26.57 0.93
N SER A 12 2.71 -27.53 0.73
CA SER A 12 3.03 -28.72 -0.04
C SER A 12 2.44 -28.68 -1.45
N LEU A 13 1.50 -27.77 -1.68
CA LEU A 13 0.87 -27.65 -2.99
C LEU A 13 1.84 -27.14 -4.05
N THR A 14 1.77 -27.72 -5.23
CA THR A 14 2.54 -27.23 -6.38
C THR A 14 1.92 -25.92 -6.87
N ALA A 15 2.63 -25.25 -7.77
CA ALA A 15 2.14 -23.98 -8.31
C ALA A 15 0.80 -24.15 -9.02
N ASP A 16 0.69 -25.21 -9.82
CA ASP A 16 -0.55 -25.48 -10.55
C ASP A 16 -1.70 -25.82 -9.60
N GLN A 17 -1.37 -26.54 -8.52
CA GLN A 17 -2.37 -26.90 -7.53
C GLN A 17 -2.85 -25.68 -6.75
N MET A 18 -1.96 -24.74 -6.50
CA MET A 18 -2.31 -23.49 -5.83
C MET A 18 -3.28 -22.69 -6.69
N VAL A 19 -3.00 -22.61 -7.98
CA VAL A 19 -3.88 -21.90 -8.92
C VAL A 19 -5.25 -22.55 -8.97
N SER A 20 -5.28 -23.86 -9.11
CA SER A 20 -6.54 -24.60 -9.17
C SER A 20 -7.37 -24.34 -7.91
N ALA A 21 -6.71 -24.35 -6.76
CA ALA A 21 -7.38 -24.11 -5.48
C ALA A 21 -7.98 -22.70 -5.43
N LEU A 22 -7.19 -21.71 -5.81
CA LEU A 22 -7.64 -20.32 -5.77
C LEU A 22 -8.79 -20.07 -6.76
N LEU A 23 -8.70 -20.68 -7.93
CA LEU A 23 -9.75 -20.55 -8.93
C LEU A 23 -11.05 -21.20 -8.44
N ASP A 24 -10.94 -22.37 -7.83
CA ASP A 24 -12.09 -23.06 -7.27
C ASP A 24 -12.75 -22.26 -6.16
N ALA A 25 -11.94 -21.50 -5.43
CA ALA A 25 -12.41 -20.79 -4.24
C ALA A 25 -13.10 -19.47 -4.59
N GLU A 26 -13.08 -19.10 -5.87
CA GLU A 26 -13.62 -17.81 -6.31
C GLU A 26 -15.07 -17.61 -5.91
N PRO A 27 -15.37 -16.45 -5.31
CA PRO A 27 -16.76 -16.12 -4.99
C PRO A 27 -17.53 -15.81 -6.26
N PRO A 28 -18.86 -15.82 -6.18
CA PRO A 28 -19.64 -15.49 -7.38
C PRO A 28 -19.82 -13.98 -7.57
N ILE A 29 -20.32 -13.59 -8.73
CA ILE A 29 -20.63 -12.20 -8.98
C ILE A 29 -22.10 -11.95 -8.65
N LEU A 30 -22.34 -11.02 -7.73
CA LEU A 30 -23.70 -10.78 -7.24
C LEU A 30 -24.38 -9.65 -7.99
N TYR A 31 -25.70 -9.61 -7.91
CA TYR A 31 -26.47 -8.53 -8.51
C TYR A 31 -26.81 -7.48 -7.47
N SER A 32 -26.92 -6.24 -7.91
CA SER A 32 -27.34 -5.16 -7.02
C SER A 32 -28.86 -5.05 -7.05
N GLU A 33 -29.39 -4.14 -6.24
CA GLU A 33 -30.82 -3.89 -6.21
C GLU A 33 -31.20 -2.79 -7.20
N TYR A 34 -30.29 -2.51 -8.13
CA TYR A 34 -30.44 -1.37 -9.01
C TYR A 34 -31.66 -1.44 -9.91
N ASP A 35 -32.44 -0.37 -9.90
CA ASP A 35 -33.61 -0.23 -10.76
C ASP A 35 -33.50 1.09 -11.51
N PRO A 36 -33.27 1.02 -12.83
CA PRO A 36 -33.08 2.20 -13.68
C PRO A 36 -34.31 3.09 -13.72
N THR A 37 -35.48 2.54 -13.43
CA THR A 37 -36.72 3.31 -13.44
C THR A 37 -36.92 4.07 -12.12
N ARG A 38 -35.99 3.86 -11.19
CA ARG A 38 -36.05 4.50 -9.88
C ARG A 38 -35.05 5.64 -9.82
N PRO A 39 -35.48 6.80 -9.30
CA PRO A 39 -34.60 7.97 -9.20
C PRO A 39 -33.44 7.78 -8.24
N PHE A 40 -32.27 8.29 -8.62
CA PHE A 40 -31.07 8.16 -7.81
C PHE A 40 -30.87 9.36 -6.88
N SER A 41 -30.07 9.16 -5.84
CA SER A 41 -29.73 10.20 -4.89
C SER A 41 -28.53 9.76 -4.08
N GLU A 42 -28.00 10.65 -3.25
CA GLU A 42 -26.83 10.34 -2.42
C GLU A 42 -27.10 9.12 -1.54
N ALA A 43 -28.25 9.13 -0.86
CA ALA A 43 -28.62 8.03 0.02
C ALA A 43 -28.90 6.75 -0.77
N SER A 44 -29.66 6.90 -1.85
CA SER A 44 -30.03 5.78 -2.71
C SER A 44 -28.80 5.11 -3.32
N MET A 45 -27.89 5.92 -3.84
CA MET A 45 -26.65 5.41 -4.43
C MET A 45 -25.79 4.68 -3.41
N MET A 46 -25.66 5.28 -2.23
CA MET A 46 -24.83 4.67 -1.18
C MET A 46 -25.50 3.43 -0.61
N GLY A 47 -26.81 3.46 -0.49
CA GLY A 47 -27.55 2.30 -0.03
C GLY A 47 -27.36 1.13 -0.96
N LEU A 48 -27.33 1.42 -2.27
CA LEU A 48 -27.14 0.40 -3.29
C LEU A 48 -25.77 -0.26 -3.19
N LEU A 49 -24.74 0.55 -3.02
CA LEU A 49 -23.38 0.02 -2.94
C LEU A 49 -23.13 -0.68 -1.62
N THR A 50 -23.70 -0.14 -0.55
CA THR A 50 -23.58 -0.73 0.77
C THR A 50 -24.25 -2.10 0.81
N ASN A 51 -25.48 -2.16 0.29
CA ASN A 51 -26.22 -3.42 0.18
C ASN A 51 -25.43 -4.48 -0.57
N LEU A 52 -24.80 -4.06 -1.67
CA LEU A 52 -24.01 -4.97 -2.49
C LEU A 52 -22.75 -5.44 -1.76
N ALA A 53 -22.04 -4.50 -1.15
CA ALA A 53 -20.83 -4.82 -0.41
C ALA A 53 -21.13 -5.78 0.74
N ASP A 54 -22.25 -5.57 1.40
CA ASP A 54 -22.64 -6.38 2.55
C ASP A 54 -22.83 -7.84 2.18
N ARG A 55 -23.48 -8.08 1.05
CA ARG A 55 -23.71 -9.45 0.60
C ARG A 55 -22.42 -10.07 0.07
N GLU A 56 -21.55 -9.25 -0.53
CA GLU A 56 -20.26 -9.72 -1.00
C GLU A 56 -19.36 -10.18 0.15
N LEU A 57 -19.47 -9.51 1.29
CA LEU A 57 -18.64 -9.84 2.45
C LEU A 57 -18.86 -11.27 2.94
N VAL A 58 -20.11 -11.70 2.96
CA VAL A 58 -20.44 -13.06 3.39
C VAL A 58 -19.72 -14.08 2.52
N HIS A 59 -19.75 -13.87 1.20
CA HIS A 59 -19.06 -14.76 0.27
C HIS A 59 -17.55 -14.65 0.41
N MET A 60 -17.06 -13.44 0.73
CA MET A 60 -15.63 -13.22 0.91
C MET A 60 -15.10 -14.00 2.10
N ILE A 61 -15.87 -14.03 3.18
CA ILE A 61 -15.49 -14.76 4.38
C ILE A 61 -15.33 -16.25 4.10
N ASN A 62 -16.23 -16.81 3.30
CA ASN A 62 -16.14 -18.21 2.94
C ASN A 62 -15.06 -18.45 1.90
N TRP A 63 -14.80 -17.45 1.06
CA TRP A 63 -13.69 -17.53 0.11
C TRP A 63 -12.36 -17.61 0.86
N ALA A 64 -12.22 -16.78 1.90
CA ALA A 64 -11.00 -16.71 2.69
C ALA A 64 -10.69 -18.05 3.35
N LYS A 65 -11.73 -18.76 3.76
CA LYS A 65 -11.58 -20.08 4.36
C LYS A 65 -10.94 -21.08 3.40
N ARG A 66 -11.08 -20.82 2.10
CA ARG A 66 -10.57 -21.75 1.10
C ARG A 66 -9.25 -21.27 0.49
N VAL A 67 -8.74 -20.15 0.99
CA VAL A 67 -7.40 -19.70 0.62
C VAL A 67 -6.38 -20.51 1.41
N PRO A 68 -5.55 -21.29 0.71
CA PRO A 68 -4.58 -22.19 1.34
C PRO A 68 -3.72 -21.50 2.40
N GLY A 69 -3.71 -22.04 3.61
CA GLY A 69 -2.93 -21.50 4.70
C GLY A 69 -3.69 -20.60 5.65
N PHE A 70 -4.82 -20.08 5.19
CA PHE A 70 -5.61 -19.14 5.99
C PHE A 70 -6.25 -19.81 7.20
N VAL A 71 -6.76 -21.01 7.01
CA VAL A 71 -7.48 -21.75 8.05
C VAL A 71 -6.51 -22.28 9.11
N ASP A 72 -5.23 -22.34 8.77
CA ASP A 72 -4.20 -22.79 9.71
C ASP A 72 -3.96 -21.75 10.80
N LEU A 73 -4.39 -20.52 10.54
CA LEU A 73 -4.18 -19.42 11.47
C LEU A 73 -5.19 -19.44 12.62
N THR A 74 -4.84 -18.80 13.72
CA THR A 74 -5.77 -18.67 14.84
C THR A 74 -6.99 -17.87 14.38
N LEU A 75 -8.10 -18.09 15.06
CA LEU A 75 -9.35 -17.42 14.73
C LEU A 75 -9.21 -15.91 14.86
N HIS A 76 -8.48 -15.47 15.88
CA HIS A 76 -8.24 -14.06 16.10
C HIS A 76 -7.45 -13.44 14.94
N ASP A 77 -6.50 -14.20 14.41
CA ASP A 77 -5.70 -13.73 13.28
C ASP A 77 -6.52 -13.68 11.99
N GLN A 78 -7.39 -14.66 11.81
CA GLN A 78 -8.27 -14.68 10.64
C GLN A 78 -9.17 -13.45 10.65
N VAL A 79 -9.73 -13.15 11.82
CA VAL A 79 -10.57 -11.98 12.01
C VAL A 79 -9.80 -10.70 11.68
N HIS A 80 -8.58 -10.60 12.22
CA HIS A 80 -7.74 -9.43 12.02
C HIS A 80 -7.42 -9.19 10.55
N LEU A 81 -7.03 -10.24 9.84
CA LEU A 81 -6.66 -10.10 8.44
C LEU A 81 -7.83 -9.66 7.57
N LEU A 82 -9.02 -10.20 7.85
CA LEU A 82 -10.20 -9.83 7.08
C LEU A 82 -10.70 -8.44 7.44
N GLU A 83 -10.61 -8.07 8.71
CA GLU A 83 -10.97 -6.72 9.13
C GLU A 83 -10.08 -5.71 8.44
N CYS A 84 -8.83 -6.07 8.26
CA CYS A 84 -7.86 -5.18 7.64
C CYS A 84 -8.01 -5.09 6.13
N ALA A 85 -8.33 -6.19 5.48
CA ALA A 85 -8.23 -6.25 4.02
C ALA A 85 -9.55 -6.22 3.25
N TRP A 86 -10.69 -6.21 3.96
CA TRP A 86 -11.98 -6.46 3.29
C TRP A 86 -12.29 -5.47 2.17
N LEU A 87 -11.98 -4.18 2.37
CA LEU A 87 -12.28 -3.20 1.35
C LEU A 87 -11.29 -3.31 0.19
N GLU A 88 -10.04 -3.63 0.49
CA GLU A 88 -9.05 -3.91 -0.56
C GLU A 88 -9.51 -5.05 -1.46
N ILE A 89 -10.03 -6.11 -0.83
CA ILE A 89 -10.48 -7.28 -1.55
C ILE A 89 -11.71 -6.97 -2.40
N LEU A 90 -12.65 -6.21 -1.84
CA LEU A 90 -13.81 -5.75 -2.62
C LEU A 90 -13.35 -4.92 -3.81
N MET A 91 -12.38 -4.05 -3.57
CA MET A 91 -11.96 -3.09 -4.59
C MET A 91 -11.20 -3.74 -5.75
N ILE A 92 -10.32 -4.70 -5.47
CA ILE A 92 -9.59 -5.35 -6.54
C ILE A 92 -10.55 -6.21 -7.35
N GLY A 93 -11.58 -6.72 -6.69
CA GLY A 93 -12.64 -7.45 -7.38
C GLY A 93 -13.37 -6.55 -8.34
N LEU A 94 -13.78 -5.38 -7.84
CA LEU A 94 -14.47 -4.38 -8.64
C LEU A 94 -13.64 -3.98 -9.86
N VAL A 95 -12.36 -3.74 -9.63
CA VAL A 95 -11.43 -3.35 -10.67
C VAL A 95 -11.26 -4.44 -11.72
N TRP A 96 -11.23 -5.70 -11.28
CA TRP A 96 -11.11 -6.84 -12.19
C TRP A 96 -12.33 -6.96 -13.09
N ARG A 97 -13.52 -6.86 -12.50
CA ARG A 97 -14.76 -6.94 -13.27
C ARG A 97 -14.90 -5.79 -14.27
N SER A 98 -14.26 -4.66 -13.95
CA SER A 98 -14.42 -3.44 -14.73
C SER A 98 -13.43 -3.31 -15.87
N MET A 99 -12.52 -4.28 -15.99
CA MET A 99 -11.46 -4.22 -17.00
C MET A 99 -11.96 -4.00 -18.43
N GLU A 100 -13.04 -4.69 -18.78
CA GLU A 100 -13.56 -4.62 -20.15
C GLU A 100 -14.44 -3.39 -20.40
N HIS A 101 -14.61 -2.55 -19.38
CA HIS A 101 -15.44 -1.37 -19.52
C HIS A 101 -14.67 -0.09 -19.20
N PRO A 102 -13.88 0.41 -20.17
CA PRO A 102 -13.08 1.61 -20.00
C PRO A 102 -13.91 2.83 -19.62
N GLY A 103 -13.48 3.52 -18.56
CA GLY A 103 -14.17 4.72 -18.11
C GLY A 103 -15.41 4.42 -17.30
N LYS A 104 -15.60 3.14 -16.97
CA LYS A 104 -16.78 2.71 -16.22
C LYS A 104 -16.42 1.71 -15.12
N LEU A 105 -17.23 1.69 -14.07
CA LEU A 105 -17.04 0.73 -12.99
C LEU A 105 -18.21 -0.24 -12.94
N LEU A 106 -17.91 -1.53 -13.05
CA LEU A 106 -18.94 -2.56 -13.05
C LEU A 106 -19.07 -3.19 -11.66
N PHE A 107 -19.90 -2.57 -10.82
CA PHE A 107 -20.14 -3.10 -9.47
C PHE A 107 -20.91 -4.42 -9.54
N ALA A 108 -21.78 -4.53 -10.54
CA ALA A 108 -22.62 -5.69 -10.74
C ALA A 108 -23.03 -5.77 -12.21
N PRO A 109 -23.42 -6.97 -12.69
CA PRO A 109 -23.86 -7.10 -14.08
C PRO A 109 -24.98 -6.13 -14.44
N ASN A 110 -25.80 -5.74 -13.47
CA ASN A 110 -26.87 -4.78 -13.69
C ASN A 110 -26.55 -3.39 -13.13
N LEU A 111 -25.34 -3.22 -12.61
CA LEU A 111 -24.94 -1.93 -12.05
C LEU A 111 -23.62 -1.46 -12.64
N LEU A 112 -23.71 -0.68 -13.71
CA LEU A 112 -22.52 -0.12 -14.35
C LEU A 112 -22.52 1.41 -14.25
N LEU A 113 -21.52 1.95 -13.56
CA LEU A 113 -21.47 3.38 -13.30
C LEU A 113 -20.23 4.03 -13.91
N ASP A 114 -20.40 5.24 -14.43
CA ASP A 114 -19.27 6.06 -14.86
C ASP A 114 -19.03 7.14 -13.81
N ARG A 115 -17.93 7.88 -13.95
CA ARG A 115 -17.48 8.79 -12.90
C ARG A 115 -18.45 9.96 -12.66
N ASN A 116 -19.25 10.29 -13.66
CA ASN A 116 -20.22 11.37 -13.52
C ASN A 116 -21.27 11.07 -12.46
N GLN A 117 -21.58 9.79 -12.30
CA GLN A 117 -22.53 9.35 -11.29
C GLN A 117 -21.86 9.25 -9.93
N GLY A 118 -20.54 9.38 -9.92
CA GLY A 118 -19.78 9.36 -8.69
C GLY A 118 -19.88 10.68 -7.94
N LYS A 119 -20.19 11.74 -8.67
CA LYS A 119 -20.30 13.07 -8.08
C LYS A 119 -21.59 13.21 -7.28
N CYS A 120 -22.43 12.18 -7.33
CA CYS A 120 -23.70 12.17 -6.61
C CYS A 120 -23.47 11.89 -5.13
N VAL A 121 -22.29 11.36 -4.82
CA VAL A 121 -21.90 11.12 -3.44
C VAL A 121 -20.62 11.89 -3.10
N GLU A 122 -20.60 12.53 -1.94
CA GLU A 122 -19.44 13.32 -1.50
C GLU A 122 -18.18 12.49 -1.39
N GLY A 123 -17.14 12.90 -2.13
CA GLY A 123 -15.85 12.25 -2.05
C GLY A 123 -15.73 10.96 -2.84
N MET A 124 -16.81 10.58 -3.51
CA MET A 124 -16.83 9.33 -4.28
C MET A 124 -16.08 9.46 -5.59
N VAL A 125 -16.19 10.62 -6.23
CA VAL A 125 -15.60 10.83 -7.55
C VAL A 125 -14.08 10.71 -7.51
N GLU A 126 -13.48 10.99 -6.36
CA GLU A 126 -12.04 10.87 -6.19
C GLU A 126 -11.62 9.40 -6.15
N ILE A 127 -12.39 8.59 -5.44
CA ILE A 127 -12.12 7.17 -5.33
C ILE A 127 -12.41 6.47 -6.66
N PHE A 128 -13.45 6.93 -7.33
CA PHE A 128 -13.82 6.40 -8.64
C PHE A 128 -12.67 6.52 -9.65
N ASP A 129 -12.09 7.70 -9.74
CA ASP A 129 -10.99 7.95 -10.66
C ASP A 129 -9.79 7.04 -10.39
N MET A 130 -9.50 6.83 -9.11
CA MET A 130 -8.40 5.94 -8.73
C MET A 130 -8.71 4.49 -9.10
N LEU A 131 -9.95 4.08 -8.90
CA LEU A 131 -10.38 2.75 -9.30
C LEU A 131 -10.30 2.59 -10.81
N LEU A 132 -10.75 3.61 -11.54
CA LEU A 132 -10.67 3.63 -13.00
C LEU A 132 -9.22 3.54 -13.48
N ALA A 133 -8.34 4.27 -12.81
CA ALA A 133 -6.92 4.25 -13.16
C ALA A 133 -6.32 2.87 -12.96
N THR A 134 -6.73 2.22 -11.87
CA THR A 134 -6.25 0.88 -11.56
C THR A 134 -6.76 -0.11 -12.61
N SER A 135 -8.03 0.03 -12.99
CA SER A 135 -8.64 -0.85 -13.99
C SER A 135 -7.95 -0.69 -15.33
N SER A 136 -7.67 0.55 -15.71
CA SER A 136 -6.95 0.83 -16.94
C SER A 136 -5.58 0.19 -16.94
N ARG A 137 -4.94 0.17 -15.76
CA ARG A 137 -3.63 -0.45 -15.62
C ARG A 137 -3.70 -1.96 -15.81
N PHE A 138 -4.66 -2.59 -15.14
CA PHE A 138 -4.88 -4.03 -15.32
C PHE A 138 -5.10 -4.36 -16.79
N ARG A 139 -5.89 -3.53 -17.48
CA ARG A 139 -6.22 -3.77 -18.88
C ARG A 139 -5.00 -3.69 -19.78
N MET A 140 -4.17 -2.68 -19.55
CA MET A 140 -2.98 -2.47 -20.37
C MET A 140 -1.95 -3.59 -20.13
N MET A 141 -1.91 -4.11 -18.91
CA MET A 141 -1.02 -5.24 -18.57
C MET A 141 -1.55 -6.58 -19.05
N ASN A 142 -2.82 -6.60 -19.43
CA ASN A 142 -3.53 -7.80 -19.82
C ASN A 142 -3.50 -8.80 -18.66
N LEU A 143 -3.91 -8.32 -17.49
CA LEU A 143 -3.93 -9.14 -16.28
C LEU A 143 -4.75 -10.40 -16.47
N GLN A 144 -4.19 -11.55 -16.10
CA GLN A 144 -4.86 -12.82 -16.26
C GLN A 144 -5.64 -13.23 -15.01
N GLY A 145 -6.67 -14.05 -15.20
CA GLY A 145 -7.49 -14.51 -14.09
C GLY A 145 -6.68 -15.25 -13.04
N GLU A 146 -5.69 -16.02 -13.49
CA GLU A 146 -4.80 -16.74 -12.60
C GLU A 146 -3.93 -15.78 -11.80
N GLU A 147 -3.57 -14.66 -12.41
CA GLU A 147 -2.78 -13.64 -11.73
C GLU A 147 -3.65 -12.90 -10.72
N PHE A 148 -4.88 -12.59 -11.12
CA PHE A 148 -5.82 -11.88 -10.26
C PHE A 148 -6.12 -12.63 -8.96
N VAL A 149 -6.31 -13.94 -9.02
CA VAL A 149 -6.63 -14.70 -7.82
C VAL A 149 -5.42 -14.80 -6.89
N CYS A 150 -4.22 -14.81 -7.46
CA CYS A 150 -3.00 -14.77 -6.65
C CYS A 150 -2.87 -13.44 -5.92
N LEU A 151 -3.10 -12.34 -6.64
CA LEU A 151 -3.02 -11.01 -6.05
C LEU A 151 -4.02 -10.81 -4.92
N LYS A 152 -5.23 -11.34 -5.11
CA LYS A 152 -6.30 -11.18 -4.13
C LYS A 152 -5.97 -11.93 -2.85
N SER A 153 -5.37 -13.10 -3.00
CA SER A 153 -4.93 -13.91 -1.85
C SER A 153 -3.75 -13.28 -1.13
N ILE A 154 -2.86 -12.64 -1.89
CA ILE A 154 -1.74 -11.93 -1.29
C ILE A 154 -2.25 -10.81 -0.40
N ILE A 155 -3.21 -10.04 -0.90
CA ILE A 155 -3.83 -8.95 -0.15
C ILE A 155 -4.38 -9.44 1.19
N LEU A 156 -5.11 -10.54 1.16
CA LEU A 156 -5.69 -11.14 2.35
C LEU A 156 -4.63 -11.44 3.41
N LEU A 157 -3.54 -12.05 2.99
CA LEU A 157 -2.52 -12.52 3.93
C LEU A 157 -1.56 -11.39 4.33
N ASN A 158 -1.34 -10.44 3.43
CA ASN A 158 -0.31 -9.43 3.65
C ASN A 158 -0.78 -8.18 4.38
N SER A 159 -2.00 -7.75 4.12
CA SER A 159 -2.44 -6.42 4.53
C SER A 159 -2.39 -6.18 6.04
N GLY A 160 -2.55 -7.23 6.82
CA GLY A 160 -2.54 -7.09 8.27
C GLY A 160 -1.53 -7.97 9.00
N VAL A 161 -0.46 -8.37 8.32
CA VAL A 161 0.53 -9.25 8.93
C VAL A 161 1.38 -8.48 9.95
N TYR A 162 1.67 -7.23 9.65
CA TYR A 162 2.09 -6.27 10.65
C TYR A 162 0.83 -5.49 10.97
N THR A 163 0.73 -4.98 12.20
CA THR A 163 -0.54 -4.56 12.84
C THR A 163 -1.41 -5.79 13.09
N LEU A 169 5.90 -14.58 23.40
CA LEU A 169 4.59 -14.24 22.87
C LEU A 169 4.34 -14.97 21.57
N LYS A 170 5.09 -16.06 21.37
CA LYS A 170 5.12 -16.83 20.12
C LYS A 170 3.79 -16.86 19.37
N SER A 171 3.88 -16.40 18.13
CA SER A 171 2.77 -16.07 17.25
C SER A 171 3.54 -15.33 16.17
N LEU A 172 4.81 -15.09 16.51
CA LEU A 172 5.85 -14.80 15.55
C LEU A 172 5.94 -15.98 14.60
N GLU A 173 5.74 -17.17 15.15
CA GLU A 173 5.66 -18.39 14.36
C GLU A 173 4.44 -18.33 13.45
N GLU A 174 3.37 -17.70 13.92
CA GLU A 174 2.18 -17.51 13.09
C GLU A 174 2.45 -16.49 12.00
N LYS A 175 3.20 -15.44 12.33
CA LYS A 175 3.61 -14.47 11.34
C LYS A 175 4.51 -15.14 10.31
N ASP A 176 5.37 -16.04 10.78
CA ASP A 176 6.29 -16.75 9.89
C ASP A 176 5.53 -17.62 8.89
N HIS A 177 4.47 -18.27 9.33
CA HIS A 177 3.65 -19.10 8.46
C HIS A 177 3.05 -18.29 7.32
N ILE A 178 2.55 -17.09 7.66
CA ILE A 178 2.00 -16.18 6.67
C ILE A 178 3.05 -15.82 5.63
N HIS A 179 4.27 -15.53 6.09
CA HIS A 179 5.35 -15.18 5.19
C HIS A 179 5.70 -16.32 4.25
N ARG A 180 5.63 -17.55 4.76
CA ARG A 180 5.91 -18.74 3.98
C ARG A 180 4.89 -18.94 2.86
N VAL A 181 3.61 -18.76 3.19
CA VAL A 181 2.54 -18.90 2.20
C VAL A 181 2.64 -17.80 1.16
N LEU A 182 3.02 -16.59 1.59
CA LEU A 182 3.21 -15.48 0.68
C LEU A 182 4.31 -15.76 -0.33
N ASP A 183 5.39 -16.40 0.13
CA ASP A 183 6.46 -16.79 -0.77
C ASP A 183 5.94 -17.80 -1.78
N LYS A 184 5.11 -18.72 -1.31
CA LYS A 184 4.48 -19.71 -2.17
C LYS A 184 3.66 -19.07 -3.30
N ILE A 185 2.88 -18.05 -2.96
CA ILE A 185 2.05 -17.37 -3.95
C ILE A 185 2.92 -16.60 -4.94
N THR A 186 4.04 -16.07 -4.46
CA THR A 186 5.03 -15.44 -5.34
C THR A 186 5.57 -16.44 -6.35
N ASP A 187 5.99 -17.60 -5.86
CA ASP A 187 6.45 -18.69 -6.70
C ASP A 187 5.42 -19.01 -7.78
N THR A 188 4.15 -19.00 -7.37
CA THR A 188 3.05 -19.31 -8.27
C THR A 188 2.91 -18.26 -9.37
N LEU A 189 2.98 -16.98 -8.98
CA LEU A 189 2.94 -15.88 -9.94
C LEU A 189 4.05 -16.00 -10.97
N ILE A 190 5.27 -16.27 -10.50
CA ILE A 190 6.40 -16.46 -11.40
C ILE A 190 6.16 -17.65 -12.33
N HIS A 191 5.60 -18.72 -11.78
CA HIS A 191 5.29 -19.92 -12.53
C HIS A 191 4.35 -19.62 -13.70
N LEU A 192 3.31 -18.84 -13.42
CA LEU A 192 2.35 -18.44 -14.44
C LEU A 192 3.00 -17.62 -15.56
N MET A 193 3.85 -16.68 -15.15
CA MET A 193 4.52 -15.80 -16.11
C MET A 193 5.53 -16.54 -16.96
N ALA A 194 6.26 -17.47 -16.34
CA ALA A 194 7.19 -18.32 -17.07
C ALA A 194 6.42 -19.19 -18.06
N LYS A 195 5.28 -19.71 -17.60
CA LYS A 195 4.40 -20.51 -18.43
C LYS A 195 3.89 -19.68 -19.61
N ALA A 196 3.74 -18.38 -19.37
CA ALA A 196 3.22 -17.46 -20.37
C ALA A 196 4.25 -17.10 -21.44
N GLY A 197 5.50 -17.50 -21.21
CA GLY A 197 6.55 -17.29 -22.19
C GLY A 197 7.35 -16.00 -21.99
N LEU A 198 7.14 -15.33 -20.87
CA LEU A 198 7.91 -14.14 -20.56
C LEU A 198 9.36 -14.49 -20.25
N THR A 199 10.29 -13.61 -20.63
CA THR A 199 11.69 -13.78 -20.27
C THR A 199 11.84 -13.54 -18.77
N LEU A 200 12.98 -13.92 -18.21
CA LEU A 200 13.23 -13.73 -16.79
C LEU A 200 13.11 -12.26 -16.40
N GLN A 201 13.66 -11.38 -17.24
CA GLN A 201 13.56 -9.95 -16.99
C GLN A 201 12.09 -9.53 -16.99
N GLN A 202 11.34 -10.02 -17.96
CA GLN A 202 9.93 -9.70 -18.09
C GLN A 202 9.11 -10.25 -16.92
N GLN A 203 9.54 -11.39 -16.39
CA GLN A 203 8.87 -11.99 -15.23
C GLN A 203 9.03 -11.11 -13.99
N HIS A 204 10.27 -10.73 -13.69
CA HIS A 204 10.55 -9.88 -12.54
C HIS A 204 9.87 -8.53 -12.68
N GLN A 205 9.94 -7.95 -13.88
CA GLN A 205 9.33 -6.65 -14.13
C GLN A 205 7.82 -6.69 -13.93
N ARG A 206 7.18 -7.73 -14.47
CA ARG A 206 5.73 -7.86 -14.35
C ARG A 206 5.32 -8.14 -12.90
N LEU A 207 6.09 -8.99 -12.23
CA LEU A 207 5.86 -9.26 -10.81
C LEU A 207 5.89 -7.97 -10.01
N ALA A 208 6.87 -7.12 -10.31
CA ALA A 208 6.99 -5.85 -9.61
C ALA A 208 5.79 -4.96 -9.90
N GLN A 209 5.40 -4.87 -11.17
CA GLN A 209 4.25 -4.07 -11.60
C GLN A 209 2.98 -4.45 -10.85
N LEU A 210 2.73 -5.75 -10.75
CA LEU A 210 1.54 -6.26 -10.06
C LEU A 210 1.56 -5.94 -8.56
N LEU A 211 2.71 -6.11 -7.93
CA LEU A 211 2.82 -5.87 -6.50
C LEU A 211 2.76 -4.39 -6.17
N LEU A 212 3.24 -3.54 -7.07
CA LEU A 212 3.17 -2.10 -6.86
C LEU A 212 1.73 -1.63 -6.87
N ILE A 213 0.90 -2.28 -7.69
CA ILE A 213 -0.52 -1.95 -7.78
C ILE A 213 -1.23 -2.19 -6.44
N LEU A 214 -0.73 -3.16 -5.68
CA LEU A 214 -1.26 -3.46 -4.35
C LEU A 214 -1.12 -2.26 -3.40
N SER A 215 -0.07 -1.46 -3.60
CA SER A 215 0.11 -0.26 -2.82
C SER A 215 -0.97 0.76 -3.14
N HIS A 216 -1.40 0.78 -4.41
CA HIS A 216 -2.46 1.67 -4.84
C HIS A 216 -3.82 1.18 -4.34
N ILE A 217 -3.99 -0.13 -4.29
CA ILE A 217 -5.22 -0.70 -3.77
C ILE A 217 -5.34 -0.40 -2.27
N ARG A 218 -4.20 -0.44 -1.57
CA ARG A 218 -4.18 -0.09 -0.16
C ARG A 218 -4.59 1.38 0.03
N HIS A 219 -4.03 2.25 -0.78
CA HIS A 219 -4.33 3.68 -0.71
C HIS A 219 -5.83 3.92 -0.92
N MET A 220 -6.39 3.27 -1.92
CA MET A 220 -7.80 3.44 -2.25
C MET A 220 -8.70 2.94 -1.12
N SER A 221 -8.31 1.83 -0.50
CA SER A 221 -9.06 1.30 0.63
C SER A 221 -9.05 2.26 1.82
N ASN A 222 -7.87 2.75 2.16
CA ASN A 222 -7.72 3.68 3.28
C ASN A 222 -8.46 5.00 3.06
N LYS A 223 -8.40 5.51 1.83
CA LYS A 223 -9.11 6.75 1.51
C LYS A 223 -10.62 6.50 1.51
N GLY A 224 -11.04 5.37 0.95
CA GLY A 224 -12.44 5.02 0.93
C GLY A 224 -12.98 4.81 2.34
N MET A 225 -12.23 4.04 3.13
CA MET A 225 -12.58 3.77 4.52
C MET A 225 -12.76 5.06 5.31
N GLU A 226 -11.85 6.00 5.09
CA GLU A 226 -11.88 7.30 5.74
C GLU A 226 -13.20 8.01 5.50
N HIS A 227 -13.66 7.99 4.25
CA HIS A 227 -14.94 8.59 3.91
C HIS A 227 -16.10 7.75 4.40
N LEU A 228 -15.92 6.42 4.42
CA LEU A 228 -17.00 5.51 4.77
C LEU A 228 -17.44 5.62 6.23
N TYR A 229 -16.49 5.65 7.17
CA TYR A 229 -16.87 5.79 8.57
C TYR A 229 -17.00 7.27 8.95
N SER A 230 -17.25 8.11 7.95
CA SER A 230 -17.66 9.49 8.19
C SER A 230 -19.08 9.67 7.66
N MET A 231 -19.42 8.87 6.64
CA MET A 231 -20.78 8.80 6.13
C MET A 231 -21.75 8.44 7.24
N LYS A 232 -21.34 7.49 8.08
CA LYS A 232 -22.15 7.08 9.21
C LYS A 232 -22.02 8.09 10.35
N CYS A 233 -20.85 8.72 10.45
CA CYS A 233 -20.63 9.74 11.48
C CYS A 233 -21.37 11.02 11.13
N LEU A 239 -26.39 0.80 6.93
CA LEU A 239 -25.36 -0.25 7.01
C LEU A 239 -25.79 -1.46 7.83
N SER A 240 -25.46 -2.64 7.33
CA SER A 240 -25.71 -3.84 8.11
C SER A 240 -24.76 -3.94 9.30
N ASP A 241 -25.07 -4.83 10.23
CA ASP A 241 -24.28 -4.95 11.44
C ASP A 241 -22.86 -5.47 11.15
N LEU A 242 -22.75 -6.43 10.24
CA LEU A 242 -21.45 -6.97 9.88
C LEU A 242 -20.56 -5.89 9.25
N LEU A 243 -21.10 -5.22 8.24
CA LEU A 243 -20.37 -4.16 7.55
C LEU A 243 -20.02 -3.03 8.52
N LEU A 244 -20.94 -2.74 9.44
CA LEU A 244 -20.71 -1.72 10.45
C LEU A 244 -19.55 -2.10 11.36
N GLU A 245 -19.42 -3.40 11.63
CA GLU A 245 -18.33 -3.91 12.46
C GLU A 245 -17.01 -3.95 11.69
N MET A 246 -17.07 -4.22 10.39
CA MET A 246 -15.87 -4.19 9.55
C MET A 246 -15.34 -2.77 9.49
N LEU A 247 -16.24 -1.81 9.27
CA LEU A 247 -15.89 -0.40 9.25
C LEU A 247 -15.33 0.05 10.59
N ASP A 248 -15.97 -0.39 11.66
CA ASP A 248 -15.60 0.03 13.02
C ASP A 248 -14.21 -0.47 13.41
N ALA A 249 -13.81 -1.60 12.84
CA ALA A 249 -12.49 -2.18 13.11
C ALA A 249 -11.38 -1.20 12.71
N HIS A 250 -11.66 -0.37 11.71
CA HIS A 250 -10.75 0.68 11.29
C HIS A 250 -11.02 1.99 12.03
N ARG A 251 -11.82 1.90 13.10
CA ARG A 251 -12.21 3.06 13.90
C ARG A 251 -12.88 4.14 13.07
N SER B 8 15.37 10.22 -22.00
CA SER B 8 15.60 10.26 -20.57
C SER B 8 16.90 9.54 -20.20
N LEU B 9 17.77 10.25 -19.49
CA LEU B 9 19.07 9.71 -19.10
C LEU B 9 18.93 8.47 -18.21
N ALA B 10 17.86 8.43 -17.42
CA ALA B 10 17.62 7.35 -16.47
C ALA B 10 17.73 5.96 -17.10
N LEU B 11 17.21 5.82 -18.32
CA LEU B 11 17.15 4.53 -18.97
C LEU B 11 18.50 4.09 -19.54
N SER B 12 19.34 5.06 -19.90
CA SER B 12 20.66 4.75 -20.46
C SER B 12 21.62 4.26 -19.39
N LEU B 13 21.26 4.47 -18.13
CA LEU B 13 22.12 4.12 -17.02
C LEU B 13 22.31 2.62 -16.90
N THR B 14 23.50 2.20 -16.48
CA THR B 14 23.72 0.81 -16.13
C THR B 14 23.19 0.61 -14.72
N ALA B 15 23.15 -0.64 -14.27
CA ALA B 15 22.61 -0.95 -12.96
C ALA B 15 23.46 -0.33 -11.85
N ASP B 16 24.78 -0.48 -11.96
CA ASP B 16 25.70 0.11 -11.00
C ASP B 16 25.61 1.64 -11.01
N GLN B 17 25.47 2.21 -12.21
CA GLN B 17 25.31 3.65 -12.35
C GLN B 17 24.06 4.13 -11.65
N MET B 18 22.96 3.42 -11.88
CA MET B 18 21.70 3.69 -11.22
C MET B 18 21.86 3.65 -9.71
N VAL B 19 22.56 2.62 -9.22
CA VAL B 19 22.83 2.48 -7.79
C VAL B 19 23.67 3.63 -7.25
N SER B 20 24.77 3.93 -7.94
CA SER B 20 25.67 4.99 -7.50
C SER B 20 24.98 6.35 -7.53
N ALA B 21 24.11 6.55 -8.51
CA ALA B 21 23.34 7.79 -8.61
C ALA B 21 22.42 7.95 -7.42
N LEU B 22 21.76 6.86 -7.02
CA LEU B 22 20.84 6.89 -5.90
C LEU B 22 21.57 7.08 -4.58
N LEU B 23 22.69 6.38 -4.43
CA LEU B 23 23.52 6.53 -3.24
C LEU B 23 24.06 7.95 -3.15
N ASP B 24 24.37 8.54 -4.30
CA ASP B 24 24.91 9.89 -4.35
C ASP B 24 23.84 10.92 -4.01
N ALA B 25 22.59 10.58 -4.32
CA ALA B 25 21.47 11.49 -4.09
C ALA B 25 21.01 11.49 -2.64
N GLU B 26 21.48 10.52 -1.87
CA GLU B 26 21.03 10.32 -0.49
C GLU B 26 21.15 11.58 0.35
N PRO B 27 20.06 11.93 1.04
CA PRO B 27 20.08 13.02 2.02
C PRO B 27 20.79 12.56 3.28
N PRO B 28 21.31 13.51 4.07
CA PRO B 28 21.97 13.16 5.33
C PRO B 28 20.98 12.86 6.44
N ILE B 29 21.45 12.15 7.47
CA ILE B 29 20.64 11.94 8.67
C ILE B 29 20.73 13.19 9.54
N LEU B 30 19.59 13.82 9.76
CA LEU B 30 19.56 15.09 10.48
C LEU B 30 19.42 14.89 11.99
N TYR B 31 19.84 15.91 12.74
CA TYR B 31 19.68 15.90 14.19
C TYR B 31 18.44 16.69 14.58
N SER B 32 17.87 16.36 15.73
CA SER B 32 16.72 17.09 16.26
C SER B 32 17.15 18.40 16.93
N GLU B 33 16.25 19.38 16.89
CA GLU B 33 16.50 20.66 17.55
C GLU B 33 16.18 20.55 19.03
N THR B 37 16.52 16.29 25.45
CA THR B 37 15.30 16.56 26.21
C THR B 37 14.22 15.54 25.85
N ARG B 38 14.15 14.44 26.60
CA ARG B 38 13.22 13.36 26.32
C ARG B 38 11.79 13.83 26.22
N PRO B 39 11.20 13.74 25.02
CA PRO B 39 9.84 14.25 24.81
C PRO B 39 8.77 13.36 25.40
N PHE B 40 8.02 13.94 26.33
CA PHE B 40 6.74 13.42 26.73
C PHE B 40 5.76 14.56 26.49
N SER B 41 4.48 14.37 26.76
CA SER B 41 3.44 15.35 26.43
C SER B 41 3.29 15.57 24.93
N GLU B 42 2.08 15.95 24.53
CA GLU B 42 1.74 16.10 23.12
C GLU B 42 2.53 17.23 22.44
N ALA B 43 2.72 18.33 23.16
CA ALA B 43 3.33 19.53 22.60
C ALA B 43 4.81 19.34 22.25
N SER B 44 5.57 18.80 23.19
CA SER B 44 7.01 18.65 23.00
C SER B 44 7.34 17.61 21.94
N MET B 45 6.53 16.54 21.88
CA MET B 45 6.73 15.51 20.88
C MET B 45 6.51 16.06 19.48
N MET B 46 5.32 16.63 19.26
CA MET B 46 4.98 17.15 17.94
C MET B 46 5.86 18.35 17.57
N GLY B 47 6.27 19.12 18.57
CA GLY B 47 7.21 20.20 18.36
C GLY B 47 8.49 19.70 17.72
N LEU B 48 9.06 18.64 18.29
CA LEU B 48 10.30 18.07 17.78
C LEU B 48 10.10 17.37 16.43
N LEU B 49 9.02 16.62 16.29
CA LEU B 49 8.81 15.84 15.08
C LEU B 49 8.52 16.74 13.87
N THR B 50 7.71 17.78 14.06
CA THR B 50 7.37 18.65 12.94
C THR B 50 8.58 19.46 12.50
N ASN B 51 9.39 19.89 13.47
CA ASN B 51 10.62 20.61 13.16
C ASN B 51 11.59 19.78 12.34
N LEU B 52 11.75 18.52 12.72
CA LEU B 52 12.61 17.59 11.99
C LEU B 52 12.04 17.27 10.61
N ALA B 53 10.73 16.97 10.57
CA ALA B 53 10.08 16.65 9.31
C ALA B 53 10.22 17.80 8.31
N ASP B 54 10.08 19.02 8.79
CA ASP B 54 10.21 20.20 7.94
C ASP B 54 11.60 20.31 7.31
N ARG B 55 12.64 20.10 8.12
CA ARG B 55 14.00 20.18 7.59
C ARG B 55 14.31 19.00 6.66
N GLU B 56 13.76 17.83 6.97
CA GLU B 56 13.93 16.67 6.10
C GLU B 56 13.26 16.88 4.75
N LEU B 57 12.11 17.56 4.74
CA LEU B 57 11.39 17.82 3.50
C LEU B 57 12.24 18.63 2.51
N VAL B 58 13.03 19.58 3.02
CA VAL B 58 13.86 20.40 2.15
C VAL B 58 14.93 19.52 1.50
N HIS B 59 15.51 18.61 2.28
CA HIS B 59 16.47 17.65 1.74
C HIS B 59 15.80 16.66 0.80
N MET B 60 14.60 16.23 1.14
CA MET B 60 13.88 15.25 0.31
C MET B 60 13.59 15.80 -1.09
N ILE B 61 13.18 17.06 -1.15
CA ILE B 61 12.87 17.72 -2.42
C ILE B 61 14.10 17.77 -3.32
N ASN B 62 15.25 18.10 -2.74
CA ASN B 62 16.48 18.14 -3.50
C ASN B 62 17.02 16.74 -3.81
N TRP B 63 16.66 15.77 -2.98
CA TRP B 63 16.97 14.37 -3.25
C TRP B 63 16.22 13.88 -4.48
N ALA B 64 14.93 14.21 -4.55
CA ALA B 64 14.05 13.77 -5.62
C ALA B 64 14.55 14.26 -6.99
N LYS B 65 15.12 15.47 -7.03
CA LYS B 65 15.67 16.02 -8.26
C LYS B 65 16.80 15.18 -8.82
N ARG B 66 17.47 14.44 -7.95
CA ARG B 66 18.64 13.66 -8.33
C ARG B 66 18.28 12.20 -8.54
N VAL B 67 17.01 11.86 -8.35
CA VAL B 67 16.52 10.54 -8.73
C VAL B 67 16.38 10.52 -10.25
N PRO B 68 17.12 9.62 -10.90
CA PRO B 68 17.08 9.53 -12.37
C PRO B 68 15.66 9.37 -12.90
N GLY B 69 15.29 10.20 -13.87
CA GLY B 69 13.96 10.14 -14.44
C GLY B 69 13.00 11.17 -13.87
N PHE B 70 13.21 11.57 -12.63
CA PHE B 70 12.29 12.47 -11.96
C PHE B 70 12.29 13.86 -12.59
N VAL B 71 13.48 14.37 -12.95
CA VAL B 71 13.58 15.70 -13.54
C VAL B 71 13.03 15.72 -14.96
N ASP B 72 12.88 14.54 -15.57
CA ASP B 72 12.36 14.46 -16.93
C ASP B 72 10.85 14.68 -16.94
N LEU B 73 10.24 14.65 -15.77
CA LEU B 73 8.81 14.89 -15.63
C LEU B 73 8.51 16.38 -15.60
N THR B 74 7.29 16.74 -15.96
CA THR B 74 6.85 18.13 -15.86
C THR B 74 6.85 18.57 -14.40
N LEU B 75 6.93 19.87 -14.17
CA LEU B 75 6.98 20.41 -12.82
C LEU B 75 5.76 19.99 -12.00
N HIS B 76 4.60 19.98 -12.64
CA HIS B 76 3.35 19.64 -11.97
C HIS B 76 3.32 18.17 -11.56
N ASP B 77 3.85 17.30 -12.40
CA ASP B 77 3.95 15.87 -12.07
C ASP B 77 4.90 15.66 -10.90
N GLN B 78 6.01 16.39 -10.90
CA GLN B 78 6.97 16.32 -9.81
C GLN B 78 6.32 16.73 -8.49
N VAL B 79 5.51 17.78 -8.55
CA VAL B 79 4.75 18.24 -7.39
C VAL B 79 3.78 17.17 -6.90
N HIS B 80 3.01 16.62 -7.83
CA HIS B 80 2.01 15.59 -7.49
C HIS B 80 2.63 14.39 -6.78
N LEU B 81 3.75 13.90 -7.31
CA LEU B 81 4.41 12.73 -6.76
C LEU B 81 4.98 12.98 -5.37
N LEU B 82 5.59 14.14 -5.18
CA LEU B 82 6.13 14.50 -3.87
C LEU B 82 5.01 14.73 -2.87
N GLU B 83 3.94 15.38 -3.30
CA GLU B 83 2.79 15.61 -2.42
C GLU B 83 2.21 14.27 -1.96
N CYS B 84 2.12 13.32 -2.89
CA CYS B 84 1.57 12.01 -2.58
C CYS B 84 2.48 11.20 -1.66
N ALA B 85 3.79 11.28 -1.89
CA ALA B 85 4.70 10.29 -1.31
C ALA B 85 5.53 10.76 -0.12
N TRP B 86 5.42 12.03 0.27
CA TRP B 86 6.38 12.60 1.20
C TRP B 86 6.41 11.89 2.56
N LEU B 87 5.25 11.57 3.13
CA LEU B 87 5.24 10.92 4.44
C LEU B 87 5.70 9.46 4.31
N GLU B 88 5.35 8.80 3.22
CA GLU B 88 5.88 7.48 2.92
C GLU B 88 7.40 7.49 2.91
N ILE B 89 7.97 8.51 2.27
CA ILE B 89 9.41 8.62 2.14
C ILE B 89 10.07 8.95 3.48
N LEU B 90 9.42 9.80 4.27
CA LEU B 90 9.91 10.07 5.63
C LEU B 90 9.90 8.79 6.46
N MET B 91 8.84 8.00 6.31
CA MET B 91 8.67 6.80 7.13
C MET B 91 9.63 5.67 6.78
N ILE B 92 9.90 5.44 5.50
CA ILE B 92 10.83 4.38 5.14
C ILE B 92 12.24 4.78 5.58
N GLY B 93 12.53 6.07 5.56
CA GLY B 93 13.78 6.57 6.07
C GLY B 93 13.90 6.30 7.56
N LEU B 94 12.82 6.62 8.29
CA LEU B 94 12.78 6.40 9.73
C LEU B 94 12.94 4.92 10.08
N VAL B 95 12.21 4.09 9.36
CA VAL B 95 12.28 2.64 9.54
C VAL B 95 13.71 2.13 9.28
N TRP B 96 14.33 2.61 8.22
CA TRP B 96 15.71 2.25 7.90
C TRP B 96 16.70 2.61 9.02
N ARG B 97 16.61 3.83 9.53
CA ARG B 97 17.51 4.29 10.59
C ARG B 97 17.31 3.51 11.87
N SER B 98 16.09 3.02 12.08
CA SER B 98 15.73 2.38 13.33
C SER B 98 16.01 0.88 13.37
N MET B 99 16.56 0.35 12.28
CA MET B 99 16.79 -1.09 12.16
C MET B 99 17.63 -1.65 13.31
N GLU B 100 18.73 -0.97 13.63
CA GLU B 100 19.65 -1.46 14.65
C GLU B 100 19.20 -1.12 16.06
N HIS B 101 17.98 -0.62 16.21
CA HIS B 101 17.43 -0.30 17.51
C HIS B 101 16.05 -0.91 17.72
N PRO B 102 15.99 -2.23 17.99
CA PRO B 102 14.73 -2.95 18.17
C PRO B 102 13.87 -2.37 19.28
N GLY B 103 12.58 -2.26 19.02
CA GLY B 103 11.65 -1.70 20.01
C GLY B 103 11.76 -0.19 20.14
N LYS B 104 12.63 0.41 19.33
CA LYS B 104 12.83 1.86 19.38
C LYS B 104 12.86 2.47 17.98
N LEU B 105 12.54 3.76 17.90
CA LEU B 105 12.58 4.49 16.65
C LEU B 105 13.63 5.60 16.71
N LEU B 106 14.59 5.54 15.79
CA LEU B 106 15.65 6.53 15.74
C LEU B 106 15.29 7.67 14.78
N PHE B 107 14.53 8.64 15.29
CA PHE B 107 14.13 9.79 14.47
C PHE B 107 15.36 10.62 14.12
N ALA B 108 16.27 10.70 15.07
CA ALA B 108 17.53 11.39 14.89
C ALA B 108 18.54 10.72 15.80
N PRO B 109 19.84 10.86 15.52
CA PRO B 109 20.85 10.27 16.40
C PRO B 109 20.74 10.75 17.84
N ASN B 110 20.12 11.92 18.05
CA ASN B 110 19.90 12.45 19.38
C ASN B 110 18.42 12.47 19.76
N LEU B 111 17.63 11.65 19.09
CA LEU B 111 16.20 11.54 19.39
C LEU B 111 15.70 10.11 19.21
N LEU B 112 15.95 9.29 20.22
CA LEU B 112 15.58 7.87 20.18
C LEU B 112 14.35 7.62 21.06
N LEU B 113 13.25 7.21 20.42
CA LEU B 113 11.98 7.05 21.12
C LEU B 113 11.56 5.59 21.23
N ASP B 114 10.93 5.25 22.36
CA ASP B 114 10.25 3.96 22.47
C ASP B 114 8.75 4.19 22.43
N ARG B 115 7.97 3.12 22.34
CA ARG B 115 6.53 3.24 22.17
C ARG B 115 5.85 3.92 23.35
N ASN B 116 6.51 3.89 24.51
CA ASN B 116 5.99 4.50 25.71
C ASN B 116 5.79 6.01 25.57
N GLN B 117 6.62 6.64 24.75
CA GLN B 117 6.52 8.07 24.51
C GLN B 117 5.51 8.37 23.41
N GLY B 118 5.10 7.34 22.68
CA GLY B 118 4.07 7.51 21.66
C GLY B 118 2.70 7.70 22.28
N LYS B 119 2.57 7.29 23.54
CA LYS B 119 1.30 7.40 24.26
C LYS B 119 0.95 8.86 24.53
N CYS B 120 1.96 9.72 24.48
CA CYS B 120 1.78 11.13 24.73
C CYS B 120 0.86 11.78 23.68
N VAL B 121 0.85 11.19 22.48
CA VAL B 121 0.12 11.77 21.36
C VAL B 121 -1.00 10.85 20.89
N GLU B 122 -2.16 11.43 20.66
CA GLU B 122 -3.31 10.65 20.18
C GLU B 122 -3.02 10.07 18.80
N GLY B 123 -3.14 8.75 18.69
CA GLY B 123 -2.98 8.06 17.43
C GLY B 123 -1.56 7.70 17.08
N MET B 124 -0.61 8.09 17.91
CA MET B 124 0.80 7.86 17.62
C MET B 124 1.24 6.42 17.88
N VAL B 125 0.80 5.85 18.99
CA VAL B 125 1.25 4.52 19.41
C VAL B 125 0.96 3.45 18.37
N GLU B 126 -0.23 3.47 17.79
CA GLU B 126 -0.62 2.50 16.78
C GLU B 126 0.32 2.57 15.58
N ILE B 127 0.67 3.79 15.19
CA ILE B 127 1.56 4.01 14.06
C ILE B 127 3.01 3.74 14.47
N PHE B 128 3.32 4.05 15.73
CA PHE B 128 4.60 3.70 16.32
C PHE B 128 4.87 2.20 16.21
N ASP B 129 3.89 1.39 16.60
CA ASP B 129 4.02 -0.07 16.56
C ASP B 129 4.19 -0.59 15.14
N MET B 130 3.44 -0.02 14.20
CA MET B 130 3.53 -0.41 12.80
C MET B 130 4.93 -0.12 12.25
N LEU B 131 5.47 1.04 12.61
CA LEU B 131 6.81 1.42 12.18
C LEU B 131 7.86 0.48 12.76
N LEU B 132 7.69 0.13 14.04
CA LEU B 132 8.55 -0.82 14.71
C LEU B 132 8.54 -2.19 14.02
N ALA B 133 7.35 -2.64 13.66
CA ALA B 133 7.21 -3.94 13.00
C ALA B 133 7.88 -3.91 11.62
N THR B 134 7.72 -2.81 10.90
CA THR B 134 8.32 -2.68 9.58
C THR B 134 9.84 -2.66 9.70
N SER B 135 10.34 -1.95 10.71
CA SER B 135 11.77 -1.88 10.96
C SER B 135 12.34 -3.25 11.29
N SER B 136 11.62 -3.98 12.15
CA SER B 136 12.03 -5.33 12.52
C SER B 136 12.04 -6.24 11.31
N ARG B 137 11.05 -6.07 10.44
CA ARG B 137 10.95 -6.87 9.23
C ARG B 137 12.16 -6.63 8.33
N PHE B 138 12.51 -5.36 8.14
CA PHE B 138 13.66 -5.01 7.33
C PHE B 138 14.97 -5.58 7.87
N ARG B 139 15.12 -5.60 9.19
CA ARG B 139 16.36 -6.13 9.74
C ARG B 139 16.40 -7.64 9.63
N MET B 140 15.24 -8.29 9.73
CA MET B 140 15.15 -9.73 9.56
C MET B 140 15.51 -10.15 8.14
N MET B 141 15.20 -9.28 7.18
CA MET B 141 15.53 -9.54 5.79
C MET B 141 16.97 -9.14 5.47
N ASN B 142 17.61 -8.49 6.44
CA ASN B 142 18.93 -7.91 6.24
C ASN B 142 18.93 -6.95 5.06
N LEU B 143 17.98 -6.03 5.05
CA LEU B 143 17.87 -5.02 4.01
C LEU B 143 19.18 -4.25 3.85
N GLN B 144 19.63 -4.13 2.60
CA GLN B 144 20.89 -3.46 2.31
C GLN B 144 20.65 -2.02 1.87
N GLY B 145 21.65 -1.17 2.07
CA GLY B 145 21.55 0.23 1.72
C GLY B 145 21.20 0.46 0.26
N GLU B 146 21.81 -0.33 -0.62
CA GLU B 146 21.56 -0.22 -2.05
C GLU B 146 20.12 -0.61 -2.41
N GLU B 147 19.58 -1.58 -1.67
CA GLU B 147 18.19 -1.98 -1.85
C GLU B 147 17.26 -0.89 -1.33
N PHE B 148 17.62 -0.34 -0.17
CA PHE B 148 16.84 0.71 0.45
C PHE B 148 16.62 1.91 -0.47
N VAL B 149 17.68 2.36 -1.15
CA VAL B 149 17.55 3.56 -1.98
C VAL B 149 16.73 3.27 -3.24
N CYS B 150 16.75 2.02 -3.69
CA CYS B 150 15.88 1.61 -4.79
C CYS B 150 14.41 1.66 -4.37
N LEU B 151 14.12 1.15 -3.17
CA LEU B 151 12.76 1.13 -2.65
C LEU B 151 12.20 2.54 -2.45
N LYS B 152 13.06 3.44 -1.99
CA LYS B 152 12.64 4.81 -1.71
C LYS B 152 12.30 5.53 -3.02
N SER B 153 13.10 5.27 -4.05
CA SER B 153 12.86 5.84 -5.37
C SER B 153 11.57 5.30 -5.96
N ILE B 154 11.32 4.01 -5.75
CA ILE B 154 10.09 3.38 -6.23
C ILE B 154 8.87 4.04 -5.59
N ILE B 155 8.94 4.28 -4.29
CA ILE B 155 7.86 4.95 -3.56
C ILE B 155 7.54 6.31 -4.17
N LEU B 156 8.58 7.09 -4.44
CA LEU B 156 8.42 8.40 -5.08
C LEU B 156 7.70 8.31 -6.43
N LEU B 157 8.13 7.36 -7.26
CA LEU B 157 7.62 7.26 -8.62
C LEU B 157 6.29 6.52 -8.72
N ASN B 158 6.02 5.63 -7.77
CA ASN B 158 4.83 4.80 -7.84
C ASN B 158 3.61 5.39 -7.14
N SER B 159 3.83 6.02 -5.98
CA SER B 159 2.73 6.33 -5.08
C SER B 159 1.67 7.28 -5.64
N GLY B 160 2.02 8.02 -6.68
CA GLY B 160 1.05 8.92 -7.29
C GLY B 160 0.99 8.72 -8.79
N VAL B 161 1.46 7.57 -9.26
CA VAL B 161 1.53 7.30 -10.69
C VAL B 161 0.17 6.98 -11.31
N TYR B 162 -0.80 6.56 -10.50
CA TYR B 162 -2.09 6.16 -11.05
C TYR B 162 -3.18 7.21 -10.82
N THR B 163 -2.92 8.39 -11.36
CA THR B 163 -3.95 9.42 -11.49
C THR B 163 -3.91 10.00 -12.90
N LYS B 175 2.98 8.84 -18.23
CA LYS B 175 2.85 7.64 -17.42
C LYS B 175 3.79 6.55 -17.92
N ASP B 176 3.94 6.46 -19.24
CA ASP B 176 4.78 5.43 -19.84
C ASP B 176 6.24 5.61 -19.43
N HIS B 177 6.64 6.86 -19.19
CA HIS B 177 7.99 7.15 -18.74
C HIS B 177 8.24 6.61 -17.34
N ILE B 178 7.33 6.89 -16.42
CA ILE B 178 7.45 6.41 -15.05
C ILE B 178 7.43 4.89 -15.02
N HIS B 179 6.60 4.31 -15.89
CA HIS B 179 6.53 2.86 -16.04
C HIS B 179 7.89 2.27 -16.37
N ARG B 180 8.56 2.84 -17.37
CA ARG B 180 9.87 2.37 -17.81
C ARG B 180 10.93 2.58 -16.75
N VAL B 181 10.87 3.71 -16.03
CA VAL B 181 11.83 3.97 -14.97
C VAL B 181 11.61 3.00 -13.83
N LEU B 182 10.35 2.76 -13.49
CA LEU B 182 10.01 1.79 -12.44
C LEU B 182 10.52 0.40 -12.81
N ASP B 183 10.37 0.03 -14.08
CA ASP B 183 10.93 -1.23 -14.58
C ASP B 183 12.45 -1.26 -14.41
N LYS B 184 13.09 -0.13 -14.67
CA LYS B 184 14.55 -0.04 -14.57
C LYS B 184 15.02 -0.23 -13.14
N ILE B 185 14.29 0.34 -12.19
CA ILE B 185 14.64 0.19 -10.78
C ILE B 185 14.42 -1.26 -10.34
N THR B 186 13.43 -1.91 -10.95
CA THR B 186 13.21 -3.33 -10.71
C THR B 186 14.41 -4.13 -11.19
N ASP B 187 14.87 -3.84 -12.40
CA ASP B 187 16.07 -4.45 -12.95
C ASP B 187 17.26 -4.24 -12.02
N THR B 188 17.33 -3.05 -11.43
CA THR B 188 18.43 -2.69 -10.54
C THR B 188 18.37 -3.48 -9.23
N LEU B 189 17.17 -3.64 -8.68
CA LEU B 189 16.99 -4.45 -7.47
C LEU B 189 17.42 -5.89 -7.68
N ILE B 190 17.00 -6.47 -8.81
CA ILE B 190 17.38 -7.83 -9.17
C ILE B 190 18.89 -7.95 -9.35
N HIS B 191 19.46 -6.98 -10.06
CA HIS B 191 20.91 -6.91 -10.28
C HIS B 191 21.68 -6.96 -8.97
N LEU B 192 21.22 -6.21 -7.97
CA LEU B 192 21.85 -6.19 -6.65
C LEU B 192 21.79 -7.55 -5.98
N MET B 193 20.61 -8.17 -6.01
CA MET B 193 20.40 -9.48 -5.40
C MET B 193 21.25 -10.56 -6.06
N ALA B 194 21.37 -10.49 -7.38
CA ALA B 194 22.23 -11.42 -8.12
C ALA B 194 23.69 -11.18 -7.75
N LYS B 195 24.03 -9.91 -7.58
CA LYS B 195 25.37 -9.50 -7.14
C LYS B 195 25.69 -10.11 -5.78
N ALA B 196 24.68 -10.17 -4.92
CA ALA B 196 24.85 -10.70 -3.57
C ALA B 196 24.89 -12.23 -3.55
N GLY B 197 24.58 -12.85 -4.69
CA GLY B 197 24.72 -14.29 -4.84
C GLY B 197 23.45 -15.09 -4.64
N LEU B 198 22.30 -14.42 -4.64
CA LEU B 198 21.03 -15.12 -4.49
C LEU B 198 20.68 -15.94 -5.74
N THR B 199 20.05 -17.08 -5.54
CA THR B 199 19.56 -17.87 -6.66
C THR B 199 18.37 -17.16 -7.30
N LEU B 200 17.95 -17.63 -8.47
CA LEU B 200 16.82 -17.05 -9.17
C LEU B 200 15.54 -17.09 -8.34
N GLN B 201 15.37 -18.16 -7.58
CA GLN B 201 14.17 -18.28 -6.74
C GLN B 201 14.22 -17.32 -5.58
N GLN B 202 15.38 -17.21 -4.95
CA GLN B 202 15.57 -16.28 -3.83
C GLN B 202 15.41 -14.84 -4.31
N GLN B 203 15.81 -14.57 -5.55
CA GLN B 203 15.70 -13.23 -6.12
C GLN B 203 14.25 -12.77 -6.24
N HIS B 204 13.40 -13.60 -6.85
CA HIS B 204 12.01 -13.18 -7.06
C HIS B 204 11.25 -13.21 -5.74
N GLN B 205 11.63 -14.12 -4.84
CA GLN B 205 11.01 -14.16 -3.52
C GLN B 205 11.37 -12.92 -2.72
N ARG B 206 12.62 -12.50 -2.77
CA ARG B 206 13.06 -11.32 -2.04
C ARG B 206 12.50 -10.04 -2.66
N LEU B 207 12.43 -10.01 -3.98
CA LEU B 207 11.83 -8.88 -4.68
C LEU B 207 10.39 -8.69 -4.20
N ALA B 208 9.64 -9.79 -4.15
CA ALA B 208 8.25 -9.75 -3.71
C ALA B 208 8.12 -9.28 -2.26
N GLN B 209 8.93 -9.85 -1.37
CA GLN B 209 8.90 -9.49 0.05
C GLN B 209 9.11 -7.99 0.26
N LEU B 210 10.09 -7.43 -0.45
CA LEU B 210 10.38 -6.00 -0.33
C LEU B 210 9.19 -5.17 -0.81
N LEU B 211 8.64 -5.52 -1.96
CA LEU B 211 7.59 -4.72 -2.57
C LEU B 211 6.27 -4.81 -1.80
N LEU B 212 6.04 -5.93 -1.12
CA LEU B 212 4.85 -6.09 -0.30
C LEU B 212 4.89 -5.17 0.91
N ILE B 213 6.10 -4.92 1.43
CA ILE B 213 6.28 -4.02 2.56
C ILE B 213 5.89 -2.59 2.19
N LEU B 214 6.05 -2.25 0.91
CA LEU B 214 5.66 -0.93 0.41
C LEU B 214 4.16 -0.67 0.61
N SER B 215 3.37 -1.74 0.58
CA SER B 215 1.94 -1.61 0.85
C SER B 215 1.70 -1.18 2.30
N HIS B 216 2.51 -1.70 3.22
CA HIS B 216 2.36 -1.35 4.63
C HIS B 216 2.86 0.07 4.89
N ILE B 217 3.89 0.47 4.16
CA ILE B 217 4.39 1.83 4.24
C ILE B 217 3.31 2.81 3.77
N ARG B 218 2.59 2.43 2.71
CA ARG B 218 1.45 3.23 2.26
C ARG B 218 0.39 3.32 3.35
N HIS B 219 0.10 2.18 3.96
CA HIS B 219 -0.89 2.10 5.01
C HIS B 219 -0.53 3.01 6.18
N MET B 220 0.72 2.93 6.62
CA MET B 220 1.21 3.76 7.72
C MET B 220 1.12 5.24 7.39
N SER B 221 1.46 5.59 6.16
CA SER B 221 1.36 6.98 5.71
C SER B 221 -0.09 7.46 5.71
N ASN B 222 -0.99 6.63 5.20
CA ASN B 222 -2.41 6.97 5.16
C ASN B 222 -3.00 7.20 6.55
N LYS B 223 -2.78 6.23 7.44
CA LYS B 223 -3.32 6.32 8.79
C LYS B 223 -2.64 7.46 9.56
N GLY B 224 -1.37 7.70 9.26
CA GLY B 224 -0.65 8.80 9.85
C GLY B 224 -1.19 10.13 9.40
N MET B 225 -1.32 10.29 8.09
CA MET B 225 -1.82 11.51 7.48
C MET B 225 -3.20 11.88 7.99
N GLU B 226 -4.02 10.86 8.24
CA GLU B 226 -5.38 11.05 8.71
C GLU B 226 -5.42 11.84 10.02
N HIS B 227 -4.53 11.48 10.93
CA HIS B 227 -4.43 12.21 12.20
C HIS B 227 -3.75 13.56 12.00
N LEU B 228 -2.66 13.56 11.24
CA LEU B 228 -1.82 14.73 11.11
C LEU B 228 -2.54 15.95 10.51
N TYR B 229 -3.43 15.73 9.56
CA TYR B 229 -4.14 16.88 8.98
C TYR B 229 -5.50 17.13 9.61
N SER B 230 -5.81 16.39 10.67
CA SER B 230 -7.01 16.69 11.44
C SER B 230 -6.82 18.06 12.08
N MET B 231 -7.91 18.81 12.20
CA MET B 231 -7.85 20.16 12.76
C MET B 231 -7.30 20.15 14.19
N LYS B 232 -7.64 19.10 14.92
CA LYS B 232 -7.18 18.91 16.29
C LYS B 232 -5.66 18.81 16.36
N CYS B 233 -5.08 18.05 15.43
CA CYS B 233 -3.64 17.82 15.43
C CYS B 233 -2.87 19.05 14.98
N LYS B 234 -3.43 19.79 14.03
CA LYS B 234 -2.78 20.99 13.50
C LYS B 234 -2.73 22.12 14.53
N ASN B 235 -3.54 22.00 15.58
CA ASN B 235 -3.60 23.01 16.63
C ASN B 235 -2.57 22.80 17.74
N VAL B 236 -1.96 21.62 17.78
CA VAL B 236 -1.02 21.28 18.86
C VAL B 236 0.19 22.21 18.89
N VAL B 237 0.82 22.42 17.75
CA VAL B 237 2.01 23.26 17.65
C VAL B 237 1.97 24.02 16.31
N PRO B 238 2.47 25.26 16.29
CA PRO B 238 2.62 25.96 15.01
C PRO B 238 3.39 25.15 13.98
N LEU B 239 2.87 25.08 12.76
CA LEU B 239 3.50 24.33 11.68
C LEU B 239 4.13 25.28 10.67
N SER B 240 5.20 24.84 10.02
CA SER B 240 5.78 25.61 8.93
C SER B 240 4.80 25.64 7.77
N ASP B 241 4.88 26.68 6.95
CA ASP B 241 3.99 26.80 5.80
C ASP B 241 4.16 25.63 4.84
N LEU B 242 5.40 25.16 4.70
CA LEU B 242 5.70 24.04 3.82
C LEU B 242 5.06 22.75 4.29
N LEU B 243 5.17 22.46 5.58
CA LEU B 243 4.61 21.23 6.14
C LEU B 243 3.08 21.28 6.06
N LEU B 244 2.53 22.48 6.23
CA LEU B 244 1.09 22.68 6.15
C LEU B 244 0.57 22.42 4.75
N GLU B 245 1.29 22.92 3.74
CA GLU B 245 0.92 22.68 2.35
C GLU B 245 1.02 21.20 1.98
N MET B 246 2.04 20.51 2.50
CA MET B 246 2.20 19.09 2.21
C MET B 246 1.10 18.27 2.87
N LEU B 247 0.64 18.73 4.03
CA LEU B 247 -0.47 18.08 4.73
C LEU B 247 -1.79 18.31 4.03
N ASP B 248 -2.04 19.57 3.63
CA ASP B 248 -3.29 19.92 2.97
C ASP B 248 -3.40 19.31 1.58
N ALA B 249 -2.27 18.93 1.01
CA ALA B 249 -2.24 18.26 -0.30
C ALA B 249 -3.08 16.98 -0.26
N HIS B 250 -3.08 16.32 0.89
CA HIS B 250 -4.00 15.23 1.14
C HIS B 250 -5.29 15.79 1.73
N ARG B 251 -6.42 15.48 1.10
CA ARG B 251 -7.70 16.03 1.54
C ARG B 251 -8.85 15.06 1.24
N LYS C 3 -18.08 -10.81 17.78
CA LYS C 3 -18.25 -10.15 16.49
C LYS C 3 -18.87 -11.09 15.45
N ILE C 4 -19.62 -10.51 14.52
CA ILE C 4 -20.28 -11.30 13.47
C ILE C 4 -19.27 -12.00 12.58
N LEU C 5 -18.19 -11.29 12.25
CA LEU C 5 -17.11 -11.85 11.46
C LEU C 5 -16.51 -13.07 12.16
N HIS C 6 -16.34 -12.95 13.47
CA HIS C 6 -15.84 -14.04 14.29
C HIS C 6 -16.76 -15.25 14.21
N ARG C 7 -18.07 -14.99 14.23
CA ARG C 7 -19.07 -16.06 14.15
C ARG C 7 -19.06 -16.73 12.79
N LEU C 8 -19.09 -15.92 11.74
CA LEU C 8 -19.17 -16.45 10.37
C LEU C 8 -17.92 -17.26 10.02
N LEU C 9 -16.80 -16.91 10.63
CA LEU C 9 -15.56 -17.66 10.43
C LEU C 9 -15.62 -19.01 11.13
N GLN C 10 -16.43 -19.11 12.18
CA GLN C 10 -16.58 -20.35 12.93
C GLN C 10 -17.54 -21.33 12.26
N ASP C 11 -18.56 -20.80 11.61
CA ASP C 11 -19.61 -21.61 11.01
C ASP C 11 -19.07 -22.67 10.05
N SER C 12 -18.83 -23.86 10.57
CA SER C 12 -18.36 -24.98 9.76
C SER C 12 -19.51 -25.61 8.99
N HIS D 2 2.07 29.03 -7.02
CA HIS D 2 1.48 29.40 -5.73
C HIS D 2 2.07 28.57 -4.60
N LYS D 3 2.34 27.30 -4.87
CA LYS D 3 2.85 26.39 -3.85
C LYS D 3 4.33 26.60 -3.56
N ILE D 4 4.71 26.44 -2.31
CA ILE D 4 6.10 26.47 -1.90
C ILE D 4 6.89 25.39 -2.62
N LEU D 5 6.25 24.24 -2.81
CA LEU D 5 6.87 23.11 -3.48
C LEU D 5 7.30 23.47 -4.91
N HIS D 6 6.51 24.31 -5.57
CA HIS D 6 6.84 24.81 -6.91
C HIS D 6 8.19 25.51 -6.93
N ARG D 7 8.45 26.32 -5.91
CA ARG D 7 9.70 27.07 -5.85
C ARG D 7 10.88 26.17 -5.49
N LEU D 8 10.71 25.37 -4.46
CA LEU D 8 11.79 24.51 -3.96
C LEU D 8 12.24 23.49 -4.99
N LEU D 9 11.34 23.13 -5.91
CA LEU D 9 11.67 22.17 -6.96
C LEU D 9 12.52 22.79 -8.08
N GLN D 10 12.83 24.08 -7.95
CA GLN D 10 13.64 24.77 -8.95
C GLN D 10 15.08 24.98 -8.46
N ASP D 11 16.04 24.70 -9.34
CA ASP D 11 17.46 24.83 -9.00
C ASP D 11 17.84 26.29 -8.78
#